data_5NRF
#
_entry.id   5NRF
#
_cell.length_a   85.644
_cell.length_b   105.997
_cell.length_c   42.236
_cell.angle_alpha   90.00
_cell.angle_beta   90.00
_cell.angle_gamma   90.00
#
_symmetry.space_group_name_H-M   'P 21 21 2'
#
loop_
_entity.id
_entity.type
_entity.pdbx_description
1 polymer Chitotriosidase-1
2 non-polymer 1-(3-azanyl-1~{H}-1,2,4-triazol-5-yl)-~{N}-[2-(4-chlorophenyl)ethyl]-~{N}-(phenylmethyl)piperidin-4-amine
3 non-polymer GLYCEROL
4 water water
#
_entity_poly.entity_id   1
_entity_poly.type   'polypeptide(L)'
_entity_poly.pdbx_seq_one_letter_code
;AKLVCYFTNWAQYRQGEARFLPKDLDPSLCTHLIYAFAGMTNHQLSTTEWNDETLYQEFNGLKKMNPKLKTLLAIGGWNF
GTQKFTDMVATANNRQTFVNSAIRFLRKYSFDGLDLDWEYPGSQGSPAVDKERFTTLVQDLANAFQQEAQTSGKERLLLS
AAVPAGQTYVDAGYEVDKIAQNLDFVNLMAYDFHGSWEKVTGHNSPLYKRQEESGAAASLNVDAAVQQWLQKGTPASKLI
LGMPTYGRSFTLASSSDTRVGAPATGSGTPGPFTKEGGMLAYYEVCSWKGATKQRIQDQKVPYIFRDNQWVGFDDVESFK
TKVSYLKQKGLGGAMVWALDLDDFAGFSCNQGRYPLIQTLRQELSLVPRGSHHHHHH
;
_entity_poly.pdbx_strand_id   A
#
# COMPACT_ATOMS: atom_id res chain seq x y z
N ALA A 1 -8.58 15.23 5.28
CA ALA A 1 -7.55 14.31 4.80
C ALA A 1 -7.82 12.88 5.27
N LYS A 2 -7.42 11.93 4.45
CA LYS A 2 -7.45 10.52 4.81
C LYS A 2 -6.05 10.01 5.08
N LEU A 3 -5.94 9.07 6.02
CA LEU A 3 -4.72 8.28 6.17
C LEU A 3 -5.17 6.82 6.12
N VAL A 4 -4.87 6.17 5.01
CA VAL A 4 -5.35 4.83 4.72
C VAL A 4 -4.22 3.85 5.00
N CYS A 5 -4.41 2.94 5.96
CA CYS A 5 -3.32 2.04 6.33
C CYS A 5 -3.67 0.60 6.13
N TYR A 6 -2.73 -0.17 5.56
CA TYR A 6 -2.94 -1.60 5.34
C TYR A 6 -2.40 -2.47 6.45
N PHE A 7 -3.26 -3.39 6.89
CA PHE A 7 -2.91 -4.49 7.77
C PHE A 7 -2.70 -5.70 6.88
N THR A 8 -1.76 -6.56 7.24
CA THR A 8 -1.56 -7.79 6.47
C THR A 8 -1.75 -9.02 7.34
N ASN A 9 -2.47 -10.00 6.81
CA ASN A 9 -2.84 -11.17 7.61
C ASN A 9 -1.79 -12.27 7.67
N TRP A 10 -0.60 -12.01 7.12
CA TRP A 10 0.53 -12.93 7.26
C TRP A 10 1.63 -12.39 8.17
N ALA A 11 1.49 -11.15 8.62
CA ALA A 11 2.49 -10.58 9.52
C ALA A 11 2.48 -11.29 10.88
N GLN A 12 1.38 -11.97 11.19
CA GLN A 12 1.26 -12.76 12.41
C GLN A 12 2.26 -13.91 12.47
N TYR A 13 2.87 -14.24 11.34
CA TYR A 13 3.80 -15.37 11.30
C TYR A 13 5.26 -14.97 11.41
N ARG A 14 5.53 -13.67 11.49
CA ARG A 14 6.92 -13.25 11.69
C ARG A 14 7.38 -13.57 13.10
N GLN A 15 8.68 -13.75 13.28
CA GLN A 15 9.20 -14.20 14.56
C GLN A 15 9.54 -13.04 15.49
N GLY A 16 9.61 -13.35 16.79
CA GLY A 16 10.05 -12.37 17.78
C GLY A 16 9.28 -11.07 17.76
N GLU A 17 9.99 -9.97 17.94
CA GLU A 17 9.35 -8.66 18.04
C GLU A 17 8.65 -8.20 16.76
N ALA A 18 8.93 -8.89 15.64
CA ALA A 18 8.36 -8.48 14.36
C ALA A 18 6.95 -9.06 14.15
N ARG A 19 6.54 -9.96 15.04
N ARG A 19 6.56 -9.99 15.02
CA ARG A 19 5.21 -10.55 14.93
CA ARG A 19 5.23 -10.58 14.91
C ARG A 19 4.13 -9.47 15.14
C ARG A 19 4.18 -9.49 15.11
N PHE A 20 3.16 -9.44 14.24
N PHE A 20 3.28 -9.36 14.15
CA PHE A 20 2.11 -8.42 14.27
CA PHE A 20 2.24 -8.33 14.25
C PHE A 20 0.71 -9.01 14.24
C PHE A 20 0.89 -8.92 14.65
N LEU A 21 -0.15 -8.52 15.13
N LEU A 21 0.45 -8.57 15.85
CA LEU A 21 -1.53 -8.96 15.24
CA LEU A 21 -0.78 -9.09 16.43
C LEU A 21 -2.42 -7.71 15.37
C LEU A 21 -1.90 -8.03 16.40
N PRO A 22 -3.75 -7.87 15.41
N PRO A 22 -3.19 -8.45 16.52
CA PRO A 22 -4.61 -6.71 15.66
CA PRO A 22 -4.29 -7.50 16.34
C PRO A 22 -4.38 -5.97 16.98
C PRO A 22 -4.18 -6.30 17.26
N LYS A 23 -3.84 -6.64 18.00
N LYS A 23 -3.64 -6.57 18.45
CA LYS A 23 -3.56 -5.96 19.26
CA LYS A 23 -3.52 -5.61 19.53
C LYS A 23 -2.43 -4.92 19.16
C LYS A 23 -2.35 -4.67 19.33
N ASP A 24 -1.60 -5.06 18.13
N ASP A 24 -1.57 -4.92 18.28
CA ASP A 24 -0.56 -4.07 17.85
CA ASP A 24 -0.52 -4.00 17.88
C ASP A 24 -1.12 -2.91 17.05
C ASP A 24 -1.12 -2.88 17.03
N LEU A 25 -2.40 -3.02 16.69
CA LEU A 25 -3.09 -1.96 15.96
C LEU A 25 -3.47 -0.82 16.89
N ASP A 26 -3.26 0.40 16.42
CA ASP A 26 -3.69 1.59 17.14
C ASP A 26 -4.97 2.09 16.48
N PRO A 27 -6.09 2.08 17.23
CA PRO A 27 -7.37 2.45 16.60
C PRO A 27 -7.42 3.90 16.12
N SER A 28 -6.56 4.76 16.63
CA SER A 28 -6.62 6.18 16.27
C SER A 28 -5.45 6.64 15.42
N LEU A 29 -4.63 5.69 14.95
CA LEU A 29 -3.49 6.03 14.10
C LEU A 29 -3.91 6.48 12.69
N CYS A 30 -4.89 5.78 12.12
CA CYS A 30 -5.30 6.01 10.74
C CYS A 30 -6.78 6.33 10.69
N THR A 31 -7.25 6.85 9.55
CA THR A 31 -8.68 7.13 9.37
C THR A 31 -9.37 5.93 8.75
N HIS A 32 -8.64 5.18 7.94
CA HIS A 32 -9.17 4.01 7.26
C HIS A 32 -8.16 2.89 7.40
N LEU A 33 -8.63 1.70 7.78
CA LEU A 33 -7.76 0.52 7.85
C LEU A 33 -8.23 -0.48 6.83
N ILE A 34 -7.31 -0.98 6.02
CA ILE A 34 -7.66 -1.95 4.99
C ILE A 34 -6.97 -3.27 5.28
N TYR A 35 -7.76 -4.34 5.26
CA TYR A 35 -7.30 -5.69 5.62
C TYR A 35 -6.87 -6.45 4.37
N ALA A 36 -5.58 -6.74 4.27
CA ALA A 36 -5.02 -7.48 3.13
C ALA A 36 -4.71 -8.91 3.55
N PHE A 37 -5.17 -9.94 2.84
CA PHE A 37 -6.07 -9.88 1.68
C PHE A 37 -7.14 -10.95 1.82
N ALA A 38 -8.27 -10.70 1.18
CA ALA A 38 -9.28 -11.73 0.98
C ALA A 38 -9.01 -12.36 -0.39
N GLY A 39 -9.65 -13.50 -0.63
CA GLY A 39 -9.55 -14.22 -1.88
C GLY A 39 -10.90 -14.44 -2.52
N MET A 40 -10.98 -15.45 -3.37
CA MET A 40 -12.20 -15.73 -4.10
C MET A 40 -12.36 -17.23 -4.31
N THR A 41 -13.57 -17.72 -4.11
CA THR A 41 -13.86 -19.13 -4.32
C THR A 41 -15.19 -19.22 -5.04
N ASN A 42 -15.19 -19.84 -6.21
CA ASN A 42 -16.40 -19.94 -7.03
C ASN A 42 -17.06 -18.58 -7.24
N HIS A 43 -16.23 -17.59 -7.54
CA HIS A 43 -16.67 -16.21 -7.80
C HIS A 43 -17.21 -15.51 -6.56
N GLN A 44 -16.94 -16.05 -5.38
CA GLN A 44 -17.41 -15.45 -4.15
C GLN A 44 -16.27 -15.04 -3.21
N LEU A 45 -16.45 -13.92 -2.55
CA LEU A 45 -15.45 -13.42 -1.61
C LEU A 45 -15.18 -14.46 -0.52
N SER A 46 -13.90 -14.72 -0.24
CA SER A 46 -13.55 -15.73 0.76
C SER A 46 -12.30 -15.37 1.56
N THR A 47 -12.16 -16.01 2.72
CA THR A 47 -10.98 -15.79 3.54
C THR A 47 -9.75 -16.45 2.92
N THR A 48 -8.57 -16.06 3.38
CA THR A 48 -7.32 -16.65 2.91
C THR A 48 -6.46 -17.29 4.00
N GLU A 49 -6.67 -16.91 5.26
CA GLU A 49 -5.92 -17.49 6.37
C GLU A 49 -6.86 -18.22 7.33
N TRP A 50 -6.34 -19.28 7.95
CA TRP A 50 -7.11 -20.17 8.82
C TRP A 50 -7.83 -19.45 9.98
N ASN A 51 -7.29 -18.31 10.40
CA ASN A 51 -7.87 -17.56 11.51
C ASN A 51 -8.40 -16.18 11.11
N ASP A 52 -8.63 -15.97 9.83
CA ASP A 52 -9.14 -14.68 9.37
C ASP A 52 -10.40 -14.25 10.14
N GLU A 53 -11.31 -15.20 10.38
N GLU A 53 -11.30 -15.18 10.42
CA GLU A 53 -12.56 -14.87 11.05
CA GLU A 53 -12.55 -14.76 11.05
C GLU A 53 -12.33 -14.32 12.46
C GLU A 53 -12.35 -14.32 12.50
N THR A 54 -11.33 -14.87 13.15
CA THR A 54 -10.92 -14.38 14.46
C THR A 54 -10.35 -12.97 14.33
N LEU A 55 -9.46 -12.79 13.36
CA LEU A 55 -8.80 -11.52 13.12
C LEU A 55 -9.78 -10.43 12.68
N TYR A 56 -10.77 -10.81 11.87
CA TYR A 56 -11.80 -9.85 11.44
C TYR A 56 -12.50 -9.24 12.65
N GLN A 57 -12.80 -10.07 13.65
CA GLN A 57 -13.50 -9.58 14.84
C GLN A 57 -12.64 -8.61 15.64
N GLU A 58 -11.35 -8.91 15.76
CA GLU A 58 -10.45 -8.02 16.46
C GLU A 58 -10.22 -6.72 15.68
N PHE A 59 -10.09 -6.84 14.37
CA PHE A 59 -9.82 -5.72 13.48
C PHE A 59 -10.98 -4.75 13.48
N ASN A 60 -12.18 -5.27 13.23
CA ASN A 60 -13.33 -4.40 13.18
C ASN A 60 -13.78 -3.97 14.56
N GLY A 61 -13.37 -4.73 15.57
CA GLY A 61 -13.61 -4.34 16.97
C GLY A 61 -12.89 -3.06 17.36
N LEU A 62 -11.87 -2.67 16.59
CA LEU A 62 -11.18 -1.41 16.83
C LEU A 62 -12.15 -0.23 16.79
N LYS A 63 -13.24 -0.37 16.04
CA LYS A 63 -14.23 0.69 15.91
C LYS A 63 -15.01 0.94 17.19
N LYS A 64 -14.97 -0.02 18.12
CA LYS A 64 -15.57 0.20 19.42
C LYS A 64 -14.79 1.27 20.18
N MET A 65 -13.48 1.32 19.94
CA MET A 65 -12.63 2.29 20.62
C MET A 65 -12.55 3.62 19.87
N ASN A 66 -12.66 3.56 18.56
CA ASN A 66 -12.67 4.75 17.70
C ASN A 66 -13.81 4.61 16.69
N PRO A 67 -15.02 5.06 17.07
CA PRO A 67 -16.18 4.86 16.19
C PRO A 67 -16.09 5.62 14.85
N LYS A 68 -15.17 6.56 14.73
CA LYS A 68 -14.97 7.29 13.47
C LYS A 68 -14.22 6.45 12.44
N LEU A 69 -13.50 5.44 12.91
CA LEU A 69 -12.67 4.60 12.07
C LEU A 69 -13.49 3.84 11.03
N LYS A 70 -12.98 3.80 9.81
CA LYS A 70 -13.60 2.99 8.75
C LYS A 70 -12.68 1.85 8.38
N THR A 71 -13.25 0.68 8.13
CA THR A 71 -12.44 -0.46 7.71
C THR A 71 -12.89 -0.97 6.35
N LEU A 72 -11.94 -1.49 5.58
CA LEU A 72 -12.25 -2.12 4.31
C LEU A 72 -11.51 -3.43 4.22
N LEU A 73 -12.02 -4.33 3.38
CA LEU A 73 -11.37 -5.60 3.10
C LEU A 73 -10.83 -5.56 1.67
N ALA A 74 -9.55 -5.87 1.51
CA ALA A 74 -8.90 -5.85 0.20
C ALA A 74 -8.90 -7.23 -0.40
N ILE A 75 -9.37 -7.35 -1.64
CA ILE A 75 -9.32 -8.63 -2.34
C ILE A 75 -8.22 -8.65 -3.38
N GLY A 76 -7.41 -9.70 -3.37
CA GLY A 76 -6.42 -9.91 -4.41
C GLY A 76 -5.00 -9.93 -3.88
N GLY A 77 -4.17 -9.01 -4.38
CA GLY A 77 -2.77 -8.96 -3.99
C GLY A 77 -1.88 -9.60 -5.04
N TRP A 78 -0.58 -9.66 -4.74
CA TRP A 78 0.39 -10.06 -5.75
C TRP A 78 0.59 -11.57 -5.92
N ASN A 79 0.09 -12.37 -4.98
CA ASN A 79 0.20 -13.82 -5.13
C ASN A 79 -1.13 -14.43 -5.55
N PHE A 80 -2.14 -13.60 -5.70
CA PHE A 80 -3.48 -14.07 -6.02
C PHE A 80 -3.60 -14.49 -7.47
N GLY A 81 -2.79 -13.89 -8.32
CA GLY A 81 -2.89 -14.12 -9.75
C GLY A 81 -3.99 -13.30 -10.38
N THR A 82 -4.33 -13.61 -11.62
CA THR A 82 -5.36 -12.87 -12.34
C THR A 82 -6.56 -13.74 -12.73
N GLN A 83 -6.36 -15.05 -12.85
CA GLN A 83 -7.38 -15.90 -13.47
C GLN A 83 -8.75 -15.84 -12.79
N LYS A 84 -8.77 -15.82 -11.46
CA LYS A 84 -10.04 -15.75 -10.76
C LYS A 84 -10.78 -14.43 -11.02
N PHE A 85 -10.04 -13.33 -11.13
CA PHE A 85 -10.66 -12.06 -11.49
C PHE A 85 -11.20 -12.14 -12.91
N THR A 86 -10.37 -12.66 -13.82
CA THR A 86 -10.76 -12.78 -15.23
C THR A 86 -12.04 -13.59 -15.37
N ASP A 87 -12.11 -14.73 -14.69
CA ASP A 87 -13.27 -15.61 -14.82
C ASP A 87 -14.53 -14.99 -14.20
N MET A 88 -14.34 -14.24 -13.12
CA MET A 88 -15.46 -13.61 -12.43
C MET A 88 -16.04 -12.44 -13.23
N VAL A 89 -15.19 -11.64 -13.87
CA VAL A 89 -15.70 -10.49 -14.62
C VAL A 89 -16.17 -10.86 -16.03
N ALA A 90 -15.98 -12.11 -16.42
CA ALA A 90 -16.26 -12.52 -17.80
C ALA A 90 -17.74 -12.49 -18.17
N THR A 91 -18.61 -12.67 -17.19
CA THR A 91 -20.06 -12.69 -17.45
C THR A 91 -20.81 -11.87 -16.42
N ALA A 92 -21.97 -11.34 -16.80
CA ALA A 92 -22.84 -10.62 -15.89
C ALA A 92 -23.23 -11.49 -14.69
N ASN A 93 -23.51 -12.76 -14.97
CA ASN A 93 -23.88 -13.70 -13.92
C ASN A 93 -22.79 -13.86 -12.88
N ASN A 94 -21.55 -14.04 -13.31
CA ASN A 94 -20.47 -14.19 -12.36
C ASN A 94 -20.20 -12.91 -11.57
N ARG A 95 -20.32 -11.76 -12.24
CA ARG A 95 -20.16 -10.49 -11.53
C ARG A 95 -21.24 -10.33 -10.47
N GLN A 96 -22.48 -10.69 -10.82
CA GLN A 96 -23.57 -10.60 -9.86
C GLN A 96 -23.32 -11.53 -8.67
N THR A 97 -22.85 -12.74 -8.96
CA THR A 97 -22.49 -13.68 -7.90
C THR A 97 -21.47 -13.05 -6.96
N PHE A 98 -20.43 -12.44 -7.53
CA PHE A 98 -19.39 -11.83 -6.72
C PHE A 98 -19.91 -10.65 -5.92
N VAL A 99 -20.63 -9.75 -6.59
CA VAL A 99 -21.11 -8.54 -5.96
C VAL A 99 -22.01 -8.84 -4.76
N ASN A 100 -22.96 -9.75 -4.95
CA ASN A 100 -23.86 -10.12 -3.86
C ASN A 100 -23.08 -10.81 -2.73
N SER A 101 -22.10 -11.63 -3.08
CA SER A 101 -21.29 -12.29 -2.05
C SER A 101 -20.51 -11.26 -1.25
N ALA A 102 -20.02 -10.22 -1.91
CA ALA A 102 -19.24 -9.20 -1.25
C ALA A 102 -20.09 -8.41 -0.26
N ILE A 103 -21.29 -8.02 -0.67
CA ILE A 103 -22.17 -7.32 0.24
C ILE A 103 -22.45 -8.16 1.49
N ARG A 104 -22.84 -9.42 1.27
CA ARG A 104 -23.13 -10.31 2.40
C ARG A 104 -21.93 -10.50 3.33
N PHE A 105 -20.75 -10.68 2.74
CA PHE A 105 -19.53 -10.97 3.48
C PHE A 105 -19.13 -9.75 4.31
N LEU A 106 -19.16 -8.57 3.68
CA LEU A 106 -18.74 -7.36 4.37
C LEU A 106 -19.68 -7.04 5.52
N ARG A 107 -20.98 -7.20 5.30
CA ARG A 107 -21.94 -6.94 6.36
C ARG A 107 -21.81 -7.95 7.50
N LYS A 108 -21.59 -9.22 7.16
CA LYS A 108 -21.47 -10.27 8.17
C LYS A 108 -20.29 -10.00 9.11
N TYR A 109 -19.18 -9.55 8.55
CA TYR A 109 -17.96 -9.41 9.33
C TYR A 109 -17.70 -7.98 9.80
N SER A 110 -18.64 -7.08 9.51
CA SER A 110 -18.60 -5.68 9.95
C SER A 110 -17.49 -4.85 9.31
N PHE A 111 -17.24 -5.08 8.02
CA PHE A 111 -16.38 -4.19 7.24
C PHE A 111 -17.19 -3.06 6.65
N ASP A 112 -16.58 -1.88 6.51
CA ASP A 112 -17.27 -0.74 5.93
C ASP A 112 -17.10 -0.59 4.42
N GLY A 113 -16.35 -1.49 3.79
CA GLY A 113 -16.16 -1.38 2.36
C GLY A 113 -15.24 -2.43 1.77
N LEU A 114 -15.06 -2.35 0.46
CA LEU A 114 -14.24 -3.28 -0.31
C LEU A 114 -13.15 -2.50 -1.05
N ASP A 115 -11.93 -3.03 -1.00
CA ASP A 115 -10.80 -2.47 -1.74
C ASP A 115 -10.40 -3.51 -2.78
N LEU A 116 -10.31 -3.08 -4.05
CA LEU A 116 -9.98 -3.99 -5.15
C LEU A 116 -8.47 -3.97 -5.40
N ASP A 117 -7.81 -5.13 -5.27
CA ASP A 117 -6.36 -5.21 -5.46
C ASP A 117 -5.98 -6.25 -6.51
N TRP A 118 -6.57 -6.13 -7.68
CA TRP A 118 -6.25 -7.00 -8.80
C TRP A 118 -4.93 -6.54 -9.42
N GLU A 119 -3.96 -7.44 -9.49
CA GLU A 119 -2.68 -7.14 -10.14
C GLU A 119 -2.50 -7.97 -11.40
N TYR A 120 -2.91 -7.49 -12.58
CA TYR A 120 -3.63 -6.25 -12.82
C TYR A 120 -4.52 -6.59 -14.01
N PRO A 121 -5.67 -5.91 -14.15
CA PRO A 121 -6.45 -6.15 -15.38
C PRO A 121 -5.64 -5.80 -16.62
N GLY A 122 -5.65 -6.69 -17.62
CA GLY A 122 -4.97 -6.43 -18.87
C GLY A 122 -3.47 -6.70 -18.87
N SER A 123 -2.93 -7.12 -17.72
CA SER A 123 -1.50 -7.42 -17.61
C SER A 123 -1.30 -8.73 -16.85
N GLN A 124 -0.06 -9.22 -16.81
CA GLN A 124 0.29 -10.40 -16.02
C GLN A 124 -0.52 -11.65 -16.40
N GLY A 125 -0.97 -11.73 -17.64
CA GLY A 125 -1.71 -12.88 -18.10
C GLY A 125 -3.19 -12.61 -18.32
N SER A 126 -3.67 -11.51 -17.74
CA SER A 126 -5.06 -11.09 -17.94
C SER A 126 -5.24 -10.50 -19.35
N PRO A 127 -6.30 -10.93 -20.05
CA PRO A 127 -6.50 -10.50 -21.45
C PRO A 127 -6.93 -9.04 -21.56
N ALA A 128 -6.76 -8.45 -22.75
CA ALA A 128 -7.04 -7.03 -22.95
C ALA A 128 -8.50 -6.64 -22.64
N VAL A 129 -9.43 -7.58 -22.86
CA VAL A 129 -10.83 -7.31 -22.58
C VAL A 129 -11.09 -7.00 -21.10
N ASP A 130 -10.16 -7.38 -20.23
CA ASP A 130 -10.35 -7.16 -18.80
C ASP A 130 -10.28 -5.68 -18.42
N LYS A 131 -9.72 -4.85 -19.30
CA LYS A 131 -9.71 -3.42 -19.05
C LYS A 131 -11.15 -2.90 -18.96
N GLU A 132 -11.95 -3.12 -20.00
CA GLU A 132 -13.35 -2.68 -19.96
C GLU A 132 -14.16 -3.48 -18.93
N ARG A 133 -13.84 -4.76 -18.74
CA ARG A 133 -14.57 -5.56 -17.77
C ARG A 133 -14.29 -5.13 -16.32
N PHE A 134 -13.08 -4.63 -16.05
CA PHE A 134 -12.78 -4.06 -14.75
C PHE A 134 -13.65 -2.83 -14.51
N THR A 135 -13.77 -1.98 -15.54
CA THR A 135 -14.65 -0.83 -15.45
C THR A 135 -16.07 -1.25 -15.09
N THR A 136 -16.54 -2.31 -15.75
CA THR A 136 -17.88 -2.82 -15.50
C THR A 136 -18.01 -3.36 -14.07
N LEU A 137 -16.99 -4.08 -13.60
CA LEU A 137 -16.99 -4.58 -12.24
C LEU A 137 -17.09 -3.44 -11.23
N VAL A 138 -16.29 -2.40 -11.42
CA VAL A 138 -16.31 -1.25 -10.54
C VAL A 138 -17.71 -0.60 -10.53
N GLN A 139 -18.29 -0.45 -11.71
CA GLN A 139 -19.63 0.11 -11.83
C GLN A 139 -20.67 -0.78 -11.16
N ASP A 140 -20.56 -2.09 -11.37
CA ASP A 140 -21.48 -3.05 -10.75
C ASP A 140 -21.45 -2.95 -9.23
N LEU A 141 -20.25 -2.91 -8.67
CA LEU A 141 -20.09 -2.79 -7.23
C LEU A 141 -20.65 -1.47 -6.70
N ALA A 142 -20.29 -0.37 -7.35
CA ALA A 142 -20.73 0.94 -6.90
C ALA A 142 -22.26 1.02 -6.91
N ASN A 143 -22.86 0.54 -8.00
CA ASN A 143 -24.31 0.56 -8.13
C ASN A 143 -24.98 -0.31 -7.08
N ALA A 144 -24.42 -1.50 -6.84
CA ALA A 144 -25.03 -2.42 -5.90
C ALA A 144 -24.87 -1.96 -4.45
N PHE A 145 -23.74 -1.32 -4.15
CA PHE A 145 -23.53 -0.75 -2.82
C PHE A 145 -24.54 0.36 -2.57
N GLN A 146 -24.76 1.19 -3.59
CA GLN A 146 -25.73 2.28 -3.51
C GLN A 146 -27.12 1.72 -3.25
N GLN A 147 -27.49 0.66 -3.97
CA GLN A 147 -28.81 0.08 -3.81
C GLN A 147 -29.00 -0.56 -2.44
N GLU A 148 -27.97 -1.23 -1.95
CA GLU A 148 -28.06 -1.88 -0.64
C GLU A 148 -28.23 -0.87 0.48
N ALA A 149 -27.60 0.29 0.35
CA ALA A 149 -27.78 1.36 1.33
C ALA A 149 -29.21 1.86 1.32
N GLN A 150 -29.77 2.04 0.13
CA GLN A 150 -31.15 2.50 -0.04
C GLN A 150 -32.12 1.54 0.63
N THR A 151 -31.95 0.25 0.36
CA THR A 151 -32.90 -0.75 0.79
C THR A 151 -32.71 -1.18 2.26
N SER A 152 -31.49 -1.07 2.76
CA SER A 152 -31.20 -1.47 4.15
C SER A 152 -31.26 -0.29 5.11
N GLY A 153 -31.01 0.91 4.59
CA GLY A 153 -30.99 2.10 5.43
C GLY A 153 -29.67 2.25 6.14
N LYS A 154 -28.75 1.33 5.88
CA LYS A 154 -27.40 1.38 6.45
C LYS A 154 -26.51 2.35 5.69
N GLU A 155 -25.43 2.79 6.33
CA GLU A 155 -24.41 3.59 5.68
C GLU A 155 -23.83 2.82 4.48
N ARG A 156 -23.77 3.47 3.32
CA ARG A 156 -23.31 2.81 2.11
C ARG A 156 -21.89 2.25 2.24
N LEU A 157 -21.70 1.01 1.79
CA LEU A 157 -20.37 0.41 1.72
C LEU A 157 -19.46 1.22 0.81
N LEU A 158 -18.21 1.38 1.24
CA LEU A 158 -17.21 2.11 0.46
C LEU A 158 -16.57 1.20 -0.60
N LEU A 159 -16.15 1.79 -1.70
CA LEU A 159 -15.42 1.05 -2.73
C LEU A 159 -14.14 1.80 -3.08
N SER A 160 -13.02 1.13 -2.95
CA SER A 160 -11.75 1.70 -3.36
C SER A 160 -10.99 0.71 -4.21
N ALA A 161 -9.91 1.17 -4.82
CA ALA A 161 -9.03 0.29 -5.58
C ALA A 161 -7.59 0.71 -5.39
N ALA A 162 -6.71 -0.28 -5.33
CA ALA A 162 -5.28 -0.06 -5.29
C ALA A 162 -4.78 -0.16 -6.73
N VAL A 163 -4.18 0.92 -7.22
CA VAL A 163 -3.88 1.04 -8.64
C VAL A 163 -2.39 1.30 -8.89
N PRO A 164 -1.88 0.81 -10.03
CA PRO A 164 -0.44 0.91 -10.30
C PRO A 164 -0.02 2.28 -10.79
N ALA A 165 1.27 2.54 -10.62
CA ALA A 165 1.89 3.81 -10.99
C ALA A 165 2.49 3.79 -12.39
N GLY A 166 2.81 2.60 -12.90
CA GLY A 166 3.51 2.48 -14.17
C GLY A 166 2.58 2.59 -15.36
N GLN A 167 2.95 3.43 -16.32
CA GLN A 167 2.09 3.70 -17.46
C GLN A 167 1.68 2.47 -18.26
N THR A 168 2.55 1.48 -18.35
CA THR A 168 2.22 0.27 -19.09
C THR A 168 1.04 -0.44 -18.44
N TYR A 169 1.06 -0.56 -17.12
CA TYR A 169 -0.04 -1.21 -16.42
C TYR A 169 -1.30 -0.36 -16.47
N VAL A 170 -1.14 0.96 -16.30
CA VAL A 170 -2.27 1.86 -16.30
C VAL A 170 -3.02 1.80 -17.63
N ASP A 171 -2.27 1.88 -18.73
CA ASP A 171 -2.90 1.88 -20.03
C ASP A 171 -3.51 0.53 -20.44
N ALA A 172 -2.95 -0.56 -19.91
CA ALA A 172 -3.44 -1.89 -20.27
C ALA A 172 -4.72 -2.24 -19.52
N GLY A 173 -4.94 -1.62 -18.37
CA GLY A 173 -6.03 -2.07 -17.53
C GLY A 173 -7.05 -1.08 -17.01
N TYR A 174 -6.77 0.22 -17.08
CA TYR A 174 -7.55 1.17 -16.30
C TYR A 174 -8.13 2.31 -17.12
N GLU A 175 -9.46 2.32 -17.24
CA GLU A 175 -10.15 3.45 -17.81
C GLU A 175 -10.31 4.47 -16.69
N VAL A 176 -9.25 5.25 -16.49
CA VAL A 176 -9.09 6.07 -15.28
C VAL A 176 -10.28 6.99 -15.02
N ASP A 177 -10.71 7.74 -16.04
CA ASP A 177 -11.79 8.69 -15.85
C ASP A 177 -13.11 8.01 -15.49
N LYS A 178 -13.36 6.83 -16.06
CA LYS A 178 -14.58 6.10 -15.77
C LYS A 178 -14.58 5.52 -14.36
N ILE A 179 -13.52 4.80 -13.99
CA ILE A 179 -13.52 4.16 -12.69
C ILE A 179 -13.47 5.18 -11.55
N ALA A 180 -12.80 6.32 -11.78
CA ALA A 180 -12.67 7.32 -10.73
C ALA A 180 -14.03 7.88 -10.30
N GLN A 181 -14.99 7.91 -11.23
CA GLN A 181 -16.33 8.38 -10.91
C GLN A 181 -17.06 7.42 -9.97
N ASN A 182 -16.73 6.13 -10.03
CA ASN A 182 -17.44 5.13 -9.23
C ASN A 182 -16.71 4.69 -7.96
N LEU A 183 -15.41 4.97 -7.87
CA LEU A 183 -14.66 4.65 -6.67
C LEU A 183 -14.77 5.79 -5.66
N ASP A 184 -14.89 5.45 -4.38
CA ASP A 184 -14.85 6.47 -3.34
C ASP A 184 -13.46 7.09 -3.18
N PHE A 185 -12.43 6.26 -3.31
CA PHE A 185 -11.07 6.77 -3.39
C PHE A 185 -10.17 5.79 -4.12
N VAL A 186 -9.02 6.31 -4.53
CA VAL A 186 -8.09 5.59 -5.38
C VAL A 186 -6.75 5.51 -4.64
N ASN A 187 -6.33 4.30 -4.30
CA ASN A 187 -5.09 4.09 -3.56
C ASN A 187 -3.91 3.90 -4.50
N LEU A 188 -3.14 4.96 -4.73
CA LEU A 188 -2.08 4.92 -5.72
C LEU A 188 -0.85 4.22 -5.15
N MET A 189 -0.46 3.10 -5.77
N MET A 189 -0.47 3.09 -5.77
CA MET A 189 0.68 2.32 -5.30
CA MET A 189 0.67 2.31 -5.31
C MET A 189 1.99 2.95 -5.76
C MET A 189 1.98 2.94 -5.76
N ALA A 190 2.34 4.06 -5.12
CA ALA A 190 3.49 4.87 -5.52
C ALA A 190 4.77 4.33 -4.90
N TYR A 191 5.12 3.12 -5.28
CA TYR A 191 6.29 2.41 -4.79
C TYR A 191 6.52 1.21 -5.70
N ASP A 192 7.54 0.42 -5.41
CA ASP A 192 7.98 -0.64 -6.31
C ASP A 192 8.36 -0.09 -7.69
N PHE A 193 8.86 1.15 -7.72
CA PHE A 193 9.26 1.75 -8.99
C PHE A 193 10.52 1.11 -9.54
N HIS A 194 11.39 0.69 -8.61
CA HIS A 194 12.66 0.06 -8.94
C HIS A 194 12.90 -1.03 -7.94
N GLY A 195 13.75 -1.98 -8.29
CA GLY A 195 14.03 -3.07 -7.38
C GLY A 195 15.00 -4.03 -8.02
N SER A 196 15.26 -5.13 -7.32
CA SER A 196 16.37 -6.01 -7.66
C SER A 196 16.22 -6.76 -9.00
N TRP A 197 15.03 -6.69 -9.59
CA TRP A 197 14.82 -7.27 -10.91
C TRP A 197 15.59 -6.49 -11.97
N GLU A 198 15.99 -5.27 -11.62
CA GLU A 198 16.77 -4.40 -12.52
C GLU A 198 18.26 -4.57 -12.27
N LYS A 199 19.08 -4.29 -13.30
CA LYS A 199 20.53 -4.54 -13.27
C LYS A 199 21.37 -3.47 -12.59
N VAL A 200 20.72 -2.38 -12.18
CA VAL A 200 21.40 -1.29 -11.49
C VAL A 200 20.56 -0.86 -10.31
N THR A 201 21.19 -0.26 -9.30
CA THR A 201 20.44 0.21 -8.15
C THR A 201 19.47 1.31 -8.56
N GLY A 202 18.33 1.35 -7.89
CA GLY A 202 17.35 2.38 -8.10
C GLY A 202 16.45 2.40 -6.89
N HIS A 203 15.81 3.53 -6.64
CA HIS A 203 15.02 3.70 -5.43
C HIS A 203 13.59 3.17 -5.57
N ASN A 204 13.14 2.47 -4.54
CA ASN A 204 11.77 1.96 -4.44
C ASN A 204 10.68 3.00 -4.71
N SER A 205 10.91 4.23 -4.27
CA SER A 205 9.85 5.23 -4.24
C SER A 205 10.40 6.66 -4.29
N PRO A 206 11.04 7.02 -5.41
CA PRO A 206 11.59 8.37 -5.51
C PRO A 206 10.50 9.39 -5.80
N LEU A 207 10.61 10.57 -5.25
CA LEU A 207 9.59 11.59 -5.48
C LEU A 207 9.65 12.18 -6.88
N TYR A 208 10.87 12.43 -7.37
CA TYR A 208 11.07 13.02 -8.68
C TYR A 208 12.05 12.19 -9.48
N LYS A 209 12.17 12.49 -10.78
CA LYS A 209 13.19 11.85 -11.61
C LYS A 209 14.60 12.30 -11.24
N ARG A 210 15.59 11.50 -11.62
CA ARG A 210 16.99 11.93 -11.59
C ARG A 210 17.28 12.67 -12.87
N GLN A 211 18.17 13.66 -12.80
CA GLN A 211 18.52 14.44 -13.99
C GLN A 211 18.96 13.57 -15.16
N GLU A 212 19.66 12.48 -14.86
CA GLU A 212 20.20 11.59 -15.88
C GLU A 212 19.13 10.80 -16.65
N GLU A 213 17.98 10.60 -16.04
CA GLU A 213 16.95 9.74 -16.63
C GLU A 213 16.30 10.35 -17.87
N SER A 214 15.82 9.48 -18.76
CA SER A 214 15.10 9.91 -19.94
C SER A 214 14.11 8.82 -20.31
N GLY A 215 13.36 9.05 -21.39
CA GLY A 215 12.38 8.10 -21.86
C GLY A 215 11.39 7.69 -20.79
N ALA A 216 10.94 6.44 -20.86
CA ALA A 216 9.96 5.93 -19.92
C ALA A 216 10.49 5.97 -18.48
N ALA A 217 11.79 5.84 -18.32
CA ALA A 217 12.38 5.83 -16.97
C ALA A 217 12.07 7.12 -16.22
N ALA A 218 11.95 8.21 -16.97
CA ALA A 218 11.71 9.53 -16.37
C ALA A 218 10.32 9.69 -15.76
N SER A 219 9.45 8.72 -15.99
CA SER A 219 8.13 8.73 -15.36
C SER A 219 8.02 7.76 -14.18
N LEU A 220 9.13 7.09 -13.84
CA LEU A 220 9.11 6.12 -12.74
C LEU A 220 9.41 6.81 -11.41
N ASN A 221 8.49 7.68 -11.00
CA ASN A 221 8.62 8.41 -9.75
C ASN A 221 7.24 8.87 -9.30
N VAL A 222 7.15 9.24 -8.03
CA VAL A 222 5.88 9.59 -7.41
C VAL A 222 5.17 10.74 -8.11
N ASP A 223 5.90 11.81 -8.39
CA ASP A 223 5.30 12.99 -9.02
C ASP A 223 4.70 12.65 -10.39
N ALA A 224 5.44 11.90 -11.21
CA ALA A 224 4.91 11.51 -12.52
C ALA A 224 3.67 10.62 -12.39
N ALA A 225 3.70 9.71 -11.42
CA ALA A 225 2.57 8.81 -11.21
C ALA A 225 1.31 9.56 -10.76
N VAL A 226 1.49 10.50 -9.83
CA VAL A 226 0.40 11.34 -9.37
C VAL A 226 -0.18 12.16 -10.53
N GLN A 227 0.70 12.83 -11.28
CA GLN A 227 0.24 13.65 -12.40
C GLN A 227 -0.46 12.79 -13.44
N GLN A 228 0.04 11.57 -13.65
CA GLN A 228 -0.59 10.65 -14.59
C GLN A 228 -2.06 10.37 -14.23
N TRP A 229 -2.28 10.03 -12.97
CA TRP A 229 -3.64 9.69 -12.52
C TRP A 229 -4.55 10.91 -12.49
N LEU A 230 -4.00 12.07 -12.15
CA LEU A 230 -4.80 13.30 -12.18
C LEU A 230 -5.18 13.68 -13.60
N GLN A 231 -4.20 13.69 -14.50
CA GLN A 231 -4.43 14.12 -15.88
C GLN A 231 -5.37 13.19 -16.62
N LYS A 232 -5.34 11.90 -16.26
CA LYS A 232 -6.21 10.92 -16.89
C LYS A 232 -7.62 10.91 -16.29
N GLY A 233 -7.86 11.76 -15.29
CA GLY A 233 -9.21 12.03 -14.84
C GLY A 233 -9.59 11.69 -13.41
N THR A 234 -8.62 11.44 -12.54
CA THR A 234 -8.95 11.20 -11.13
C THR A 234 -9.06 12.54 -10.43
N PRO A 235 -10.22 12.81 -9.80
CA PRO A 235 -10.30 14.03 -8.97
C PRO A 235 -9.23 13.99 -7.89
N ALA A 236 -8.57 15.13 -7.66
CA ALA A 236 -7.47 15.17 -6.70
C ALA A 236 -7.92 14.68 -5.33
N SER A 237 -9.13 15.07 -4.92
CA SER A 237 -9.63 14.68 -3.60
C SER A 237 -9.81 13.17 -3.44
N LYS A 238 -9.92 12.43 -4.54
CA LYS A 238 -10.09 10.99 -4.50
C LYS A 238 -8.77 10.24 -4.59
N LEU A 239 -7.70 10.95 -4.96
CA LEU A 239 -6.41 10.30 -5.15
C LEU A 239 -5.64 10.27 -3.83
N ILE A 240 -5.32 9.07 -3.38
CA ILE A 240 -4.64 8.88 -2.10
C ILE A 240 -3.24 8.36 -2.37
N LEU A 241 -2.24 9.12 -1.94
CA LEU A 241 -0.85 8.83 -2.29
C LEU A 241 -0.22 7.74 -1.43
N GLY A 242 0.10 6.59 -2.02
CA GLY A 242 0.79 5.53 -1.32
C GLY A 242 2.20 5.89 -0.86
N MET A 243 2.56 5.34 0.31
CA MET A 243 3.82 5.60 1.00
C MET A 243 4.31 4.26 1.51
N PRO A 244 5.58 3.90 1.24
CA PRO A 244 6.08 2.59 1.67
C PRO A 244 6.85 2.66 2.99
N THR A 245 6.49 1.80 3.94
CA THR A 245 7.30 1.67 5.15
C THR A 245 8.27 0.51 4.99
N TYR A 246 8.74 0.33 3.76
CA TYR A 246 9.73 -0.68 3.46
C TYR A 246 10.64 -0.12 2.38
N GLY A 247 11.75 -0.81 2.14
CA GLY A 247 12.66 -0.46 1.09
C GLY A 247 13.01 -1.65 0.22
N ARG A 248 13.75 -1.40 -0.85
N ARG A 248 13.79 -1.38 -0.83
CA ARG A 248 14.17 -2.47 -1.74
CA ARG A 248 14.21 -2.43 -1.75
C ARG A 248 15.68 -2.49 -1.88
C ARG A 248 15.72 -2.47 -1.84
N SER A 249 16.25 -3.69 -1.77
CA SER A 249 17.67 -3.89 -1.62
C SER A 249 18.31 -4.59 -2.79
N PHE A 250 19.59 -4.32 -2.97
CA PHE A 250 20.39 -4.85 -4.05
C PHE A 250 21.70 -5.37 -3.49
N THR A 251 22.24 -6.40 -4.14
CA THR A 251 23.64 -6.72 -3.95
C THR A 251 24.41 -6.00 -5.05
N LEU A 252 25.37 -5.17 -4.64
CA LEU A 252 26.21 -4.42 -5.57
C LEU A 252 27.23 -5.31 -6.26
N ALA A 253 27.53 -5.01 -7.52
CA ALA A 253 28.61 -5.70 -8.22
C ALA A 253 29.95 -5.41 -7.56
N SER A 254 30.10 -4.19 -7.04
CA SER A 254 31.32 -3.80 -6.34
C SER A 254 30.98 -2.87 -5.19
N SER A 255 31.59 -3.13 -4.03
CA SER A 255 31.40 -2.28 -2.87
C SER A 255 31.99 -0.88 -3.08
N SER A 256 32.78 -0.72 -4.13
CA SER A 256 33.40 0.57 -4.42
C SER A 256 32.52 1.48 -5.30
N ASP A 257 31.38 0.97 -5.75
CA ASP A 257 30.43 1.81 -6.49
C ASP A 257 29.06 1.68 -5.85
N THR A 258 28.71 2.69 -5.06
CA THR A 258 27.48 2.68 -4.27
C THR A 258 26.50 3.75 -4.75
N ARG A 259 26.72 4.27 -5.95
CA ARG A 259 25.83 5.30 -6.49
C ARG A 259 24.45 4.74 -6.80
N VAL A 260 23.46 5.64 -6.88
CA VAL A 260 22.21 5.30 -7.54
C VAL A 260 22.57 5.01 -9.00
N GLY A 261 22.09 3.88 -9.51
CA GLY A 261 22.44 3.48 -10.86
C GLY A 261 23.72 2.66 -10.98
N ALA A 262 24.33 2.33 -9.85
CA ALA A 262 25.50 1.45 -9.85
C ALA A 262 25.10 0.03 -10.24
N PRO A 263 26.02 -0.72 -10.87
CA PRO A 263 25.68 -2.09 -11.26
C PRO A 263 25.35 -2.98 -10.06
N ALA A 264 24.34 -3.84 -10.23
CA ALA A 264 23.91 -4.77 -9.18
C ALA A 264 23.87 -6.18 -9.75
N THR A 265 24.13 -7.17 -8.91
CA THR A 265 24.14 -8.56 -9.37
C THR A 265 22.88 -9.31 -8.98
N GLY A 266 22.03 -8.70 -8.18
CA GLY A 266 20.79 -9.32 -7.76
C GLY A 266 20.20 -8.70 -6.50
N SER A 267 19.29 -9.43 -5.87
CA SER A 267 18.64 -8.97 -4.64
C SER A 267 19.62 -8.77 -3.50
N GLY A 268 19.30 -7.84 -2.62
CA GLY A 268 19.99 -7.74 -1.34
C GLY A 268 19.71 -8.96 -0.46
N THR A 269 20.60 -9.20 0.48
CA THR A 269 20.45 -10.24 1.48
C THR A 269 19.12 -10.07 2.21
N PRO A 270 18.39 -11.19 2.45
CA PRO A 270 17.11 -11.06 3.15
C PRO A 270 17.26 -10.51 4.56
N GLY A 271 16.24 -9.78 5.01
CA GLY A 271 16.22 -9.25 6.35
C GLY A 271 15.99 -10.35 7.36
N PRO A 272 16.38 -10.12 8.62
CA PRO A 272 16.30 -11.15 9.68
C PRO A 272 14.86 -11.49 10.06
N PHE A 273 13.93 -10.58 9.81
CA PHE A 273 12.53 -10.81 10.16
C PHE A 273 11.64 -11.05 8.95
N THR A 274 11.82 -10.24 7.90
CA THR A 274 10.94 -10.37 6.73
C THR A 274 11.38 -11.48 5.78
N LYS A 275 12.66 -11.83 5.83
CA LYS A 275 13.20 -13.03 5.19
C LYS A 275 12.81 -13.14 3.71
N GLU A 276 12.96 -12.04 2.98
CA GLU A 276 12.59 -12.01 1.58
C GLU A 276 13.60 -11.15 0.82
N GLY A 277 14.50 -11.82 0.11
CA GLY A 277 15.57 -11.12 -0.58
C GLY A 277 15.03 -10.04 -1.50
N GLY A 278 15.67 -8.87 -1.44
CA GLY A 278 15.27 -7.75 -2.27
C GLY A 278 14.39 -6.74 -1.55
N MET A 279 13.85 -7.13 -0.40
N MET A 279 13.88 -7.09 -0.37
CA MET A 279 12.93 -6.31 0.39
CA MET A 279 13.07 -6.14 0.37
C MET A 279 13.44 -6.17 1.83
C MET A 279 13.37 -6.18 1.85
N LEU A 280 13.18 -5.04 2.48
CA LEU A 280 13.43 -4.88 3.92
C LEU A 280 12.36 -3.99 4.53
N ALA A 281 11.91 -4.33 5.73
CA ALA A 281 11.03 -3.46 6.49
C ALA A 281 11.82 -2.24 6.96
N TYR A 282 11.12 -1.14 7.22
CA TYR A 282 11.79 0.03 7.78
C TYR A 282 12.57 -0.35 9.03
N TYR A 283 12.01 -1.19 9.88
CA TYR A 283 12.70 -1.56 11.13
C TYR A 283 13.97 -2.39 10.88
N GLU A 284 14.14 -2.90 9.67
N GLU A 284 14.13 -2.93 9.67
CA GLU A 284 15.32 -3.69 9.34
CA GLU A 284 15.34 -3.69 9.32
C GLU A 284 16.42 -2.83 8.73
C GLU A 284 16.44 -2.82 8.72
N VAL A 285 16.09 -1.59 8.36
CA VAL A 285 17.05 -0.70 7.73
C VAL A 285 17.40 0.53 8.60
N CYS A 286 16.49 0.88 9.51
CA CYS A 286 16.62 2.12 10.28
C CYS A 286 17.78 2.10 11.27
N SER A 287 18.19 0.90 11.70
CA SER A 287 19.19 0.76 12.74
C SER A 287 20.35 -0.13 12.30
N TRP A 288 20.60 -0.13 11.00
CA TRP A 288 21.67 -0.90 10.37
C TRP A 288 23.02 -0.42 10.88
N LYS A 289 23.73 -1.29 11.59
CA LYS A 289 24.99 -0.91 12.22
C LYS A 289 26.14 -0.79 11.21
N GLY A 290 26.93 0.26 11.35
CA GLY A 290 28.12 0.42 10.53
C GLY A 290 27.84 0.70 9.07
N ALA A 291 26.63 1.17 8.79
CA ALA A 291 26.24 1.48 7.42
C ALA A 291 26.39 2.97 7.13
N THR A 292 26.29 3.34 5.86
CA THR A 292 26.43 4.73 5.45
C THR A 292 25.14 5.18 4.79
N LYS A 293 24.47 6.15 5.39
CA LYS A 293 23.23 6.69 4.84
C LYS A 293 23.51 7.88 3.92
N GLN A 294 22.78 7.96 2.81
CA GLN A 294 22.98 8.98 1.78
C GLN A 294 21.61 9.48 1.36
N ARG A 295 21.54 10.63 0.69
CA ARG A 295 20.29 11.05 0.09
C ARG A 295 20.48 11.26 -1.39
N ILE A 296 19.46 10.88 -2.16
CA ILE A 296 19.45 11.16 -3.58
C ILE A 296 18.88 12.56 -3.75
N GLN A 297 19.75 13.51 -4.06
CA GLN A 297 19.37 14.91 -4.05
C GLN A 297 18.21 15.24 -4.98
N ASP A 298 18.23 14.69 -6.18
CA ASP A 298 17.16 14.96 -7.15
C ASP A 298 15.84 14.36 -6.70
N GLN A 299 15.92 13.22 -6.02
CA GLN A 299 14.73 12.40 -5.81
C GLN A 299 14.11 12.52 -4.42
N LYS A 300 14.84 13.19 -3.53
CA LYS A 300 14.35 13.57 -2.19
C LYS A 300 14.10 12.37 -1.27
N VAL A 301 14.89 11.32 -1.43
CA VAL A 301 14.72 10.10 -0.66
C VAL A 301 16.08 9.52 -0.30
N PRO A 302 16.16 8.76 0.80
CA PRO A 302 17.45 8.23 1.22
C PRO A 302 17.76 6.84 0.67
N TYR A 303 19.05 6.51 0.69
CA TYR A 303 19.49 5.14 0.57
C TYR A 303 20.59 4.90 1.58
N ILE A 304 20.95 3.64 1.75
N ILE A 304 20.89 3.63 1.82
CA ILE A 304 21.95 3.28 2.73
CA ILE A 304 21.96 3.26 2.73
C ILE A 304 22.72 2.08 2.18
C ILE A 304 22.73 2.10 2.14
N PHE A 305 24.03 2.04 2.43
CA PHE A 305 24.82 0.94 1.97
C PHE A 305 25.79 0.47 3.03
N ARG A 306 26.18 -0.79 2.92
N ARG A 306 26.19 -0.79 2.92
CA ARG A 306 27.18 -1.37 3.78
CA ARG A 306 27.20 -1.34 3.80
C ARG A 306 27.80 -2.53 3.04
C ARG A 306 27.80 -2.51 3.04
N ASP A 307 29.11 -2.49 2.85
CA ASP A 307 29.81 -3.47 2.04
C ASP A 307 29.14 -3.53 0.67
N ASN A 308 28.72 -4.71 0.22
CA ASN A 308 28.08 -4.83 -1.08
C ASN A 308 26.54 -4.80 -1.05
N GLN A 309 25.97 -4.25 0.01
CA GLN A 309 24.52 -4.17 0.16
C GLN A 309 24.06 -2.72 0.04
N TRP A 310 22.99 -2.52 -0.72
CA TRP A 310 22.49 -1.17 -1.01
C TRP A 310 20.98 -1.20 -0.89
N VAL A 311 20.41 -0.28 -0.14
CA VAL A 311 18.96 -0.26 0.07
C VAL A 311 18.39 1.13 -0.12
N GLY A 312 17.37 1.25 -0.97
CA GLY A 312 16.62 2.49 -1.08
C GLY A 312 15.36 2.37 -0.23
N PHE A 313 15.09 3.36 0.60
CA PHE A 313 13.96 3.28 1.53
C PHE A 313 13.42 4.67 1.82
N ASP A 314 12.39 4.74 2.66
CA ASP A 314 11.82 6.02 3.07
C ASP A 314 12.04 6.24 4.55
N ASP A 315 12.31 7.50 4.91
CA ASP A 315 12.50 7.85 6.31
C ASP A 315 11.52 8.95 6.73
N VAL A 316 11.68 9.44 7.95
CA VAL A 316 10.77 10.47 8.44
C VAL A 316 10.82 11.68 7.51
N GLU A 317 12.04 12.08 7.12
CA GLU A 317 12.20 13.23 6.25
C GLU A 317 11.53 13.07 4.88
N SER A 318 11.67 11.90 4.26
CA SER A 318 11.05 11.71 2.95
C SER A 318 9.53 11.64 3.06
N PHE A 319 9.02 11.05 4.13
CA PHE A 319 7.58 11.08 4.37
C PHE A 319 7.07 12.52 4.52
N LYS A 320 7.81 13.35 5.25
CA LYS A 320 7.42 14.76 5.39
C LYS A 320 7.39 15.44 4.03
N THR A 321 8.42 15.20 3.23
CA THR A 321 8.52 15.80 1.90
C THR A 321 7.34 15.37 1.02
N LYS A 322 6.99 14.09 1.09
CA LYS A 322 5.91 13.55 0.27
C LYS A 322 4.54 14.05 0.72
N VAL A 323 4.36 14.29 2.01
CA VAL A 323 3.09 14.84 2.47
C VAL A 323 2.98 16.32 2.07
N SER A 324 4.08 17.05 2.15
N SER A 324 4.09 17.04 2.15
CA SER A 324 4.08 18.42 1.67
CA SER A 324 4.10 18.42 1.68
C SER A 324 3.72 18.45 0.19
C SER A 324 3.71 18.44 0.20
N TYR A 325 4.27 17.51 -0.57
CA TYR A 325 3.94 17.36 -1.98
C TYR A 325 2.44 17.08 -2.21
N LEU A 326 1.89 16.10 -1.49
CA LEU A 326 0.49 15.73 -1.75
C LEU A 326 -0.45 16.87 -1.38
N LYS A 327 -0.09 17.63 -0.36
CA LYS A 327 -0.91 18.77 0.03
C LYS A 327 -0.86 19.88 -1.03
N GLN A 328 0.30 20.07 -1.62
CA GLN A 328 0.44 21.06 -2.69
C GLN A 328 -0.40 20.68 -3.91
N LYS A 329 -0.55 19.38 -4.15
CA LYS A 329 -1.33 18.88 -5.28
C LYS A 329 -2.81 18.74 -4.93
N GLY A 330 -3.16 18.99 -3.68
CA GLY A 330 -4.55 18.89 -3.25
C GLY A 330 -5.10 17.48 -3.16
N LEU A 331 -4.23 16.50 -2.92
CA LEU A 331 -4.68 15.11 -2.88
C LEU A 331 -5.52 14.81 -1.65
N GLY A 332 -6.26 13.70 -1.70
CA GLY A 332 -7.18 13.36 -0.63
C GLY A 332 -6.52 12.83 0.62
N GLY A 333 -5.23 12.51 0.55
CA GLY A 333 -4.51 12.04 1.72
C GLY A 333 -3.39 11.08 1.35
N ALA A 334 -2.96 10.30 2.33
CA ALA A 334 -1.91 9.32 2.13
C ALA A 334 -2.40 7.92 2.44
N MET A 335 -1.78 6.95 1.77
CA MET A 335 -2.03 5.54 2.00
C MET A 335 -0.69 4.91 2.36
N VAL A 336 -0.69 3.89 3.20
CA VAL A 336 0.58 3.31 3.60
C VAL A 336 0.61 1.80 3.58
N TRP A 337 1.62 1.26 2.90
CA TRP A 337 1.94 -0.15 2.95
C TRP A 337 3.24 -0.30 3.72
N ALA A 338 3.23 -0.86 4.93
CA ALA A 338 2.05 -1.38 5.65
C ALA A 338 2.31 -1.21 7.14
N LEU A 339 1.26 -1.35 7.94
CA LEU A 339 1.38 -1.19 9.41
C LEU A 339 2.52 -2.00 10.02
N ASP A 340 2.66 -3.26 9.59
CA ASP A 340 3.59 -4.18 10.22
C ASP A 340 5.03 -4.01 9.76
N LEU A 341 5.25 -3.09 8.80
CA LEU A 341 6.60 -2.85 8.28
C LEU A 341 7.23 -1.57 8.86
N ASP A 342 6.40 -0.67 9.38
CA ASP A 342 6.87 0.44 10.20
C ASP A 342 7.41 -0.19 11.49
N ASP A 343 8.14 0.59 12.29
CA ASP A 343 8.55 0.10 13.61
C ASP A 343 7.36 0.22 14.57
N PHE A 344 6.42 -0.69 14.40
CA PHE A 344 5.13 -0.58 15.07
C PHE A 344 5.24 -0.70 16.59
N ALA A 345 6.24 -1.42 17.06
CA ALA A 345 6.39 -1.60 18.50
C ALA A 345 7.52 -0.76 19.09
N GLY A 346 8.21 0.00 18.23
CA GLY A 346 9.31 0.83 18.66
C GLY A 346 10.52 0.05 19.14
N PHE A 347 10.69 -1.17 18.62
CA PHE A 347 11.75 -2.07 19.10
C PHE A 347 13.10 -1.87 18.42
N SER A 348 13.13 -1.11 17.33
CA SER A 348 14.33 -1.08 16.50
C SER A 348 14.94 0.30 16.27
N CYS A 349 14.11 1.29 16.00
CA CYS A 349 14.59 2.54 15.42
C CYS A 349 14.86 3.66 16.42
N ASN A 350 14.50 3.44 17.68
CA ASN A 350 14.65 4.44 18.73
C ASN A 350 13.90 5.74 18.40
N GLN A 351 12.74 5.58 17.75
CA GLN A 351 11.91 6.71 17.36
C GLN A 351 10.49 6.56 17.88
N GLY A 352 10.30 5.67 18.85
CA GLY A 352 8.97 5.39 19.38
C GLY A 352 8.17 4.45 18.48
N ARG A 353 6.91 4.24 18.84
CA ARG A 353 6.04 3.37 18.06
C ARG A 353 5.57 4.05 16.79
N TYR A 354 5.49 3.27 15.72
CA TYR A 354 4.99 3.78 14.43
C TYR A 354 5.59 5.13 14.01
N PRO A 355 6.92 5.23 13.96
CA PRO A 355 7.49 6.55 13.66
C PRO A 355 7.12 7.07 12.26
N LEU A 356 7.11 6.19 11.27
CA LEU A 356 6.78 6.64 9.92
C LEU A 356 5.30 6.98 9.78
N ILE A 357 4.42 6.13 10.29
CA ILE A 357 3.00 6.40 10.11
C ILE A 357 2.54 7.56 11.01
N GLN A 358 3.10 7.69 12.22
CA GLN A 358 2.82 8.90 13.00
C GLN A 358 3.27 10.16 12.28
N THR A 359 4.36 10.08 11.52
CA THR A 359 4.81 11.22 10.72
C THR A 359 3.76 11.59 9.68
N LEU A 360 3.22 10.59 8.99
CA LEU A 360 2.13 10.86 8.04
C LEU A 360 0.96 11.53 8.75
N ARG A 361 0.54 10.97 9.88
CA ARG A 361 -0.62 11.50 10.58
C ARG A 361 -0.40 12.95 11.01
N GLN A 362 0.79 13.21 11.53
CA GLN A 362 1.16 14.54 11.97
C GLN A 362 1.15 15.55 10.83
N GLU A 363 1.77 15.18 9.71
CA GLU A 363 1.91 16.13 8.58
C GLU A 363 0.59 16.37 7.86
N LEU A 364 -0.33 15.40 7.97
CA LEU A 364 -1.68 15.54 7.41
C LEU A 364 -2.62 16.28 8.36
N SER A 365 -2.10 16.71 9.50
CA SER A 365 -2.89 17.39 10.52
C SER A 365 -4.04 16.53 11.02
N LEU A 366 -3.73 15.25 11.24
CA LEU A 366 -4.72 14.27 11.67
C LEU A 366 -4.45 13.74 13.08
N VAL A 367 -3.57 14.39 13.83
CA VAL A 367 -3.34 13.96 15.21
C VAL A 367 -4.59 14.27 16.02
N PRO A 368 -5.17 13.25 16.69
CA PRO A 368 -6.36 13.50 17.51
C PRO A 368 -6.09 14.59 18.54
N ARG A 369 -6.97 15.57 18.68
CA ARG A 369 -6.72 16.69 19.57
C ARG A 369 -6.69 16.24 21.01
N GLY A 370 -7.38 15.13 21.29
CA GLY A 370 -7.39 14.55 22.62
C GLY A 370 -6.34 13.48 22.82
N SER A 371 -5.41 13.38 21.87
CA SER A 371 -4.36 12.36 21.92
C SER A 371 -3.35 12.63 23.05
N HIS A 372 -2.88 11.55 23.68
CA HIS A 372 -2.01 11.66 24.84
C HIS A 372 -0.60 11.12 24.57
N HIS A 373 -0.51 10.06 23.78
CA HIS A 373 0.74 9.29 23.70
C HIS A 373 1.43 9.32 22.34
N HIS A 374 1.04 10.27 21.50
CA HIS A 374 1.66 10.42 20.20
C HIS A 374 3.08 10.95 20.35
N HIS A 375 3.84 10.87 19.27
CA HIS A 375 5.23 11.28 19.26
C HIS A 375 5.43 12.10 17.99
N HIS A 376 5.84 13.37 18.12
CA HIS A 376 6.11 14.19 16.94
C HIS A 376 7.50 13.92 16.39
N HIS A 377 7.63 13.99 15.07
N HIS A 377 7.63 13.97 15.06
CA HIS A 377 8.91 13.75 14.40
CA HIS A 377 8.92 13.75 14.41
C HIS A 377 9.33 14.88 13.48
C HIS A 377 9.32 14.89 13.50
#